data_8AIM
#
_entry.id   8AIM
#
_cell.length_a   137.652
_cell.length_b   142.816
_cell.length_c   82.759
_cell.angle_alpha   90.000
_cell.angle_beta   90.000
_cell.angle_gamma   90.000
#
_symmetry.space_group_name_H-M   'C 2 2 21'
#
loop_
_entity.id
_entity.type
_entity.pdbx_description
1 polymer 'Uracil-DNA glycosylase inhibitor'
2 polymer 'Uracil-DNA glycosylase'
3 water water
#
loop_
_entity_poly.entity_id
_entity_poly.type
_entity_poly.pdbx_seq_one_letter_code
_entity_poly.pdbx_strand_id
1 'polypeptide(L)'
;MYKNIEDLNKFASKILETEISFEESITFTPDEVEENIGEKPNRDKICHSTSLEDGRVIMLLTELEPNYTPWKLLELEEDG
FKELYSKSI
;
B,G
2 'polypeptide(L)'
;MEWSQIFHDITTKHDFKAMHDFLEKEYSTAIVYPDRENIYQAFDLTPFENIKVVILGQDPYHGPNQAHGLAFSVQPNAKF
PPSLRNMYKELADDIGCVRQTPHLQDWAREGVLLLNTVLTVRQGEANSHRDIGWETFTDEIIKAVSDYKEHVVFILWGKP
AQQKIKLIDTSKHCIIKSVHPSPLSAYRGFFGSKPYSKANTYLESVGKSPINWCESEALEHHHHHH
;
A,E
#
# COMPACT_ATOMS: atom_id res chain seq x y z
N LYS A 3 -3.70 -11.34 10.98
CA LYS A 3 -2.29 -11.60 11.42
C LYS A 3 -1.79 -10.36 12.17
N ASN A 4 -0.79 -10.52 13.05
CA ASN A 4 -0.35 -9.46 14.00
C ASN A 4 1.11 -9.71 14.46
N ILE A 5 1.58 -8.98 15.48
CA ILE A 5 3.00 -8.99 15.91
C ILE A 5 3.36 -10.38 16.48
N GLU A 6 2.44 -11.09 17.17
CA GLU A 6 2.66 -12.48 17.69
C GLU A 6 3.25 -13.34 16.57
N ASP A 7 2.58 -13.33 15.41
CA ASP A 7 2.94 -14.12 14.20
C ASP A 7 4.37 -13.78 13.78
N LEU A 8 4.70 -12.48 13.72
CA LEU A 8 6.03 -11.99 13.28
C LEU A 8 7.09 -12.30 14.34
N ASN A 9 6.73 -12.21 15.62
CA ASN A 9 7.62 -12.60 16.75
C ASN A 9 7.94 -14.10 16.65
N LYS A 10 6.94 -14.96 16.42
CA LYS A 10 7.13 -16.43 16.26
C LYS A 10 8.02 -16.68 15.05
N PHE A 11 7.66 -16.10 13.91
CA PHE A 11 8.40 -16.29 12.65
C PHE A 11 9.88 -15.99 12.88
N ALA A 12 10.19 -14.83 13.47
CA ALA A 12 11.56 -14.31 13.62
C ALA A 12 12.29 -15.08 14.73
N SER A 13 11.56 -15.53 15.76
CA SER A 13 12.10 -16.35 16.88
C SER A 13 12.57 -17.72 16.36
N LYS A 14 11.78 -18.37 15.49
CA LYS A 14 12.13 -19.63 14.77
C LYS A 14 13.48 -19.45 14.08
N ILE A 15 13.63 -18.38 13.31
CA ILE A 15 14.82 -18.18 12.42
C ILE A 15 16.06 -17.83 13.25
N LEU A 16 15.93 -17.40 14.50
CA LEU A 16 17.10 -16.96 15.32
C LEU A 16 17.32 -17.91 16.50
N GLU A 17 16.29 -18.65 16.91
CA GLU A 17 16.33 -19.64 18.03
C GLU A 17 16.59 -18.93 19.37
N THR A 18 16.06 -17.70 19.53
CA THR A 18 15.83 -17.04 20.85
C THR A 18 14.57 -16.18 20.77
N GLU A 19 14.04 -15.80 21.94
CA GLU A 19 12.76 -15.07 22.13
C GLU A 19 12.89 -13.66 21.55
N ILE A 20 12.17 -13.37 20.46
CA ILE A 20 12.13 -12.02 19.81
C ILE A 20 10.79 -11.36 20.11
N SER A 21 10.81 -10.12 20.61
CA SER A 21 9.61 -9.27 20.82
C SER A 21 9.84 -7.91 20.15
N PHE A 22 9.16 -7.65 19.03
CA PHE A 22 9.29 -6.41 18.22
C PHE A 22 8.64 -5.25 18.97
N GLU A 23 9.36 -4.13 19.07
CA GLU A 23 9.00 -2.98 19.95
C GLU A 23 8.32 -1.86 19.13
N GLU A 24 8.69 -1.71 17.87
CA GLU A 24 8.20 -0.60 17.00
C GLU A 24 8.01 -1.12 15.58
N SER A 25 7.14 -0.45 14.81
CA SER A 25 6.84 -0.74 13.39
C SER A 25 6.82 0.57 12.61
N ILE A 26 7.78 0.80 11.71
CA ILE A 26 7.93 2.08 10.97
C ILE A 26 7.71 1.77 9.49
N THR A 27 6.77 2.46 8.84
CA THR A 27 6.51 2.35 7.38
C THR A 27 7.63 3.06 6.61
N PHE A 28 8.25 2.39 5.64
CA PHE A 28 9.23 2.98 4.70
C PHE A 28 8.69 2.86 3.27
N THR A 29 9.05 3.85 2.44
CA THR A 29 8.73 3.86 0.99
C THR A 29 9.81 3.03 0.28
N PRO A 30 9.52 2.56 -0.96
CA PRO A 30 10.52 1.86 -1.77
C PRO A 30 11.86 2.61 -1.94
N ASP A 31 11.83 3.90 -2.31
CA ASP A 31 13.07 4.71 -2.43
C ASP A 31 13.87 4.55 -1.13
N GLU A 32 13.19 4.60 0.01
CA GLU A 32 13.81 4.52 1.37
C GLU A 32 14.43 3.13 1.57
N VAL A 33 13.70 2.06 1.20
CA VAL A 33 14.26 0.69 1.35
C VAL A 33 15.51 0.61 0.45
N GLU A 34 15.41 1.01 -0.83
CA GLU A 34 16.56 1.09 -1.76
C GLU A 34 17.75 1.76 -1.04
N GLU A 35 17.62 3.02 -0.59
CA GLU A 35 18.79 3.81 -0.11
C GLU A 35 19.45 3.08 1.07
N ASN A 36 18.78 2.14 1.72
CA ASN A 36 19.30 1.49 2.96
C ASN A 36 19.80 0.06 2.73
N ILE A 37 19.20 -0.73 1.83
CA ILE A 37 19.57 -2.18 1.71
C ILE A 37 20.03 -2.54 0.30
N GLY A 38 19.85 -1.66 -0.69
CA GLY A 38 20.28 -1.90 -2.09
C GLY A 38 19.15 -2.34 -3.02
N GLU A 39 18.13 -3.06 -2.55
CA GLU A 39 16.99 -3.51 -3.41
C GLU A 39 15.80 -2.53 -3.28
N LYS A 40 15.14 -2.18 -4.38
CA LYS A 40 13.95 -1.29 -4.38
C LYS A 40 12.68 -2.11 -4.60
N PRO A 41 11.88 -2.38 -3.55
CA PRO A 41 10.63 -3.12 -3.72
C PRO A 41 9.59 -2.35 -4.56
N ASN A 42 8.50 -3.02 -4.93
CA ASN A 42 7.40 -2.42 -5.72
C ASN A 42 6.38 -1.79 -4.77
N ARG A 43 6.50 -2.07 -3.48
CA ARG A 43 5.46 -1.74 -2.49
C ARG A 43 6.10 -1.29 -1.19
N ASP A 44 5.36 -0.44 -0.46
CA ASP A 44 5.72 0.02 0.90
C ASP A 44 6.10 -1.22 1.71
N LYS A 45 7.10 -1.08 2.59
CA LYS A 45 7.43 -2.07 3.64
C LYS A 45 7.22 -1.43 5.02
N ILE A 46 6.91 -2.27 6.02
CA ILE A 46 6.90 -1.90 7.45
C ILE A 46 8.13 -2.57 8.08
N CYS A 47 9.00 -1.80 8.72
CA CYS A 47 10.18 -2.33 9.44
C CYS A 47 9.89 -2.44 10.93
N HIS A 48 9.69 -3.67 11.41
CA HIS A 48 9.50 -4.01 12.84
C HIS A 48 10.88 -4.25 13.45
N SER A 49 11.27 -3.51 14.49
CA SER A 49 12.67 -3.51 15.01
C SER A 49 12.68 -3.80 16.50
N THR A 50 13.80 -4.34 16.99
CA THR A 50 14.01 -4.64 18.43
C THR A 50 15.51 -4.60 18.73
N SER A 51 15.86 -4.25 19.98
CA SER A 51 17.23 -4.42 20.54
C SER A 51 17.21 -5.61 21.51
N LEU A 52 18.15 -6.55 21.36
CA LEU A 52 18.24 -7.74 22.26
C LEU A 52 19.27 -7.47 23.37
N GLU A 53 19.21 -8.28 24.44
CA GLU A 53 20.13 -8.27 25.62
C GLU A 53 21.60 -8.36 25.13
N ASP A 54 21.92 -9.27 24.20
CA ASP A 54 23.31 -9.44 23.66
C ASP A 54 23.75 -8.21 22.85
N GLY A 55 22.91 -7.18 22.74
CA GLY A 55 23.23 -5.90 22.05
C GLY A 55 22.90 -5.92 20.56
N ARG A 56 22.35 -7.02 20.05
CA ARG A 56 22.01 -7.16 18.60
C ARG A 56 20.71 -6.41 18.32
N VAL A 57 20.65 -5.82 17.12
CA VAL A 57 19.47 -5.06 16.59
C VAL A 57 18.93 -5.85 15.40
N ILE A 58 17.72 -6.39 15.57
CA ILE A 58 17.00 -7.25 14.58
C ILE A 58 15.90 -6.42 13.94
N MET A 59 15.79 -6.50 12.61
CA MET A 59 14.78 -5.76 11.81
C MET A 59 14.06 -6.72 10.85
N LEU A 60 12.78 -6.96 11.06
CA LEU A 60 11.89 -7.65 10.09
C LEU A 60 11.12 -6.62 9.26
N LEU A 61 11.43 -6.58 7.95
CA LEU A 61 10.66 -5.89 6.89
C LEU A 61 9.48 -6.75 6.47
N THR A 62 8.26 -6.22 6.48
CA THR A 62 7.04 -6.94 6.02
C THR A 62 6.27 -6.07 5.05
N GLU A 63 5.30 -6.68 4.36
CA GLU A 63 4.33 -5.92 3.54
C GLU A 63 3.46 -5.09 4.49
N LEU A 64 2.55 -4.31 3.94
CA LEU A 64 1.62 -3.46 4.74
C LEU A 64 0.63 -4.36 5.47
N GLU A 65 -0.12 -3.76 6.41
CA GLU A 65 -1.43 -4.29 6.87
C GLU A 65 -2.22 -4.71 5.63
N PRO A 66 -3.11 -5.73 5.72
CA PRO A 66 -3.47 -6.38 6.98
C PRO A 66 -2.67 -7.64 7.32
N ASN A 67 -1.78 -8.06 6.41
CA ASN A 67 -1.20 -9.42 6.39
C ASN A 67 0.28 -9.43 6.83
N TYR A 68 0.95 -8.29 6.81
CA TYR A 68 2.36 -8.11 7.26
C TYR A 68 3.18 -9.37 6.93
N THR A 69 3.02 -9.89 5.71
CA THR A 69 3.80 -11.02 5.15
C THR A 69 5.28 -10.63 5.22
N PRO A 70 6.15 -11.46 5.83
CA PRO A 70 7.59 -11.16 5.85
C PRO A 70 8.15 -10.94 4.44
N TRP A 71 9.32 -10.33 4.36
CA TRP A 71 9.96 -9.94 3.07
C TRP A 71 11.47 -10.12 3.19
N LYS A 72 12.07 -9.54 4.23
CA LYS A 72 13.48 -9.77 4.64
C LYS A 72 13.58 -9.65 6.15
N LEU A 73 14.48 -10.42 6.75
CA LEU A 73 14.89 -10.33 8.17
C LEU A 73 16.37 -9.96 8.17
N LEU A 74 16.78 -9.01 9.01
CA LEU A 74 18.14 -8.42 8.95
C LEU A 74 18.67 -8.25 10.37
N GLU A 75 19.99 -8.43 10.53
CA GLU A 75 20.76 -8.04 11.75
C GLU A 75 21.68 -6.89 11.35
N LEU A 76 21.91 -5.95 12.27
CA LEU A 76 22.69 -4.72 12.05
C LEU A 76 24.19 -5.00 12.26
N GLU A 77 25.01 -4.64 11.27
CA GLU A 77 26.50 -4.73 11.31
C GLU A 77 27.08 -3.31 11.22
N GLU A 78 28.38 -3.19 11.55
CA GLU A 78 29.13 -1.91 11.67
C GLU A 78 28.73 -0.96 10.51
N ASP A 79 28.85 -1.39 9.25
CA ASP A 79 28.68 -0.53 8.05
C ASP A 79 27.37 -0.84 7.29
N GLY A 80 26.69 -1.95 7.59
CA GLY A 80 25.60 -2.49 6.76
C GLY A 80 24.70 -3.45 7.52
N PHE A 81 24.17 -4.48 6.85
CA PHE A 81 23.19 -5.46 7.39
C PHE A 81 23.60 -6.88 6.99
N LYS A 82 23.08 -7.86 7.73
CA LYS A 82 23.25 -9.31 7.47
C LYS A 82 21.86 -9.89 7.21
N GLU A 83 21.63 -10.44 6.02
CA GLU A 83 20.34 -11.08 5.61
C GLU A 83 20.22 -12.40 6.34
N LEU A 84 19.14 -12.62 7.09
CA LEU A 84 18.89 -13.88 7.81
C LEU A 84 17.65 -14.57 7.23
N TYR A 85 17.04 -13.96 6.21
CA TYR A 85 15.85 -14.49 5.50
C TYR A 85 15.55 -13.53 4.33
N SER A 86 15.09 -14.08 3.22
CA SER A 86 14.72 -13.32 2.00
C SER A 86 13.69 -14.15 1.23
N LYS A 87 12.71 -13.51 0.58
CA LYS A 87 11.83 -14.17 -0.41
C LYS A 87 12.65 -14.47 -1.68
N SER A 88 13.40 -13.48 -2.19
CA SER A 88 14.40 -13.67 -3.27
C SER A 88 15.74 -14.11 -2.67
N LYS B 3 -14.33 -2.28 5.68
CA LYS B 3 -14.97 -1.72 4.48
C LYS B 3 -14.95 -2.79 3.38
N ASN B 4 -15.90 -2.72 2.44
CA ASN B 4 -15.94 -3.52 1.19
C ASN B 4 -16.69 -2.72 0.10
N ILE B 5 -17.08 -3.35 -1.01
CA ILE B 5 -17.64 -2.65 -2.21
C ILE B 5 -19.00 -2.02 -1.86
N GLU B 6 -19.81 -2.65 -1.00
CA GLU B 6 -21.16 -2.10 -0.63
C GLU B 6 -20.96 -0.68 -0.08
N ASP B 7 -19.99 -0.53 0.83
CA ASP B 7 -19.61 0.76 1.45
C ASP B 7 -19.28 1.80 0.37
N LEU B 8 -18.46 1.42 -0.61
CA LEU B 8 -18.00 2.32 -1.69
C LEU B 8 -19.15 2.62 -2.64
N ASN B 9 -20.02 1.64 -2.90
CA ASN B 9 -21.24 1.84 -3.71
C ASN B 9 -22.14 2.88 -3.01
N LYS B 10 -22.38 2.74 -1.69
CA LYS B 10 -23.21 3.69 -0.91
C LYS B 10 -22.56 5.07 -0.97
N PHE B 11 -21.27 5.13 -0.66
CA PHE B 11 -20.51 6.39 -0.60
C PHE B 11 -20.72 7.16 -1.90
N ALA B 12 -20.48 6.49 -3.02
CA ALA B 12 -20.46 7.08 -4.38
C ALA B 12 -21.90 7.37 -4.85
N SER B 13 -22.87 6.53 -4.45
CA SER B 13 -24.32 6.70 -4.77
C SER B 13 -24.86 7.98 -4.12
N LYS B 14 -24.50 8.24 -2.85
CA LYS B 14 -24.81 9.50 -2.12
C LYS B 14 -24.35 10.70 -2.96
N ILE B 15 -23.09 10.69 -3.40
CA ILE B 15 -22.45 11.87 -4.03
C ILE B 15 -23.00 12.07 -5.45
N LEU B 16 -23.64 11.08 -6.07
CA LEU B 16 -24.10 11.18 -7.49
C LEU B 16 -25.63 11.23 -7.56
N GLU B 17 -26.33 10.69 -6.55
CA GLU B 17 -27.81 10.66 -6.46
C GLU B 17 -28.37 9.75 -7.56
N THR B 18 -27.66 8.64 -7.85
CA THR B 18 -28.19 7.47 -8.60
C THR B 18 -27.50 6.20 -8.07
N GLU B 19 -28.09 5.04 -8.37
CA GLU B 19 -27.62 3.68 -7.99
C GLU B 19 -26.27 3.40 -8.66
N ILE B 20 -25.18 3.32 -7.90
CA ILE B 20 -23.83 2.95 -8.42
C ILE B 20 -23.49 1.53 -7.92
N SER B 21 -23.13 0.63 -8.85
CA SER B 21 -22.54 -0.71 -8.55
C SER B 21 -21.21 -0.84 -9.30
N PHE B 22 -20.10 -0.79 -8.57
CA PHE B 22 -18.71 -0.89 -9.12
C PHE B 22 -18.47 -2.32 -9.60
N GLU B 23 -17.95 -2.45 -10.82
CA GLU B 23 -17.86 -3.74 -11.56
C GLU B 23 -16.45 -4.33 -11.45
N GLU B 24 -15.42 -3.47 -11.34
CA GLU B 24 -14.00 -3.89 -11.36
C GLU B 24 -13.20 -3.00 -10.41
N SER B 25 -12.09 -3.55 -9.91
CA SER B 25 -11.16 -2.86 -8.99
C SER B 25 -9.72 -3.12 -9.46
N ILE B 26 -9.03 -2.10 -9.96
CA ILE B 26 -7.66 -2.23 -10.52
C ILE B 26 -6.72 -1.39 -9.66
N THR B 27 -5.67 -2.02 -9.11
CA THR B 27 -4.55 -1.37 -8.40
C THR B 27 -3.67 -0.58 -9.38
N PHE B 28 -3.38 0.70 -9.08
CA PHE B 28 -2.39 1.55 -9.79
C PHE B 28 -1.30 2.02 -8.83
N THR B 29 -0.09 2.24 -9.35
CA THR B 29 1.05 2.81 -8.61
C THR B 29 0.94 4.32 -8.64
N PRO B 30 1.64 5.05 -7.73
CA PRO B 30 1.65 6.51 -7.76
C PRO B 30 2.09 7.13 -9.10
N ASP B 31 3.18 6.65 -9.73
CA ASP B 31 3.61 7.15 -11.07
C ASP B 31 2.40 7.08 -11.99
N GLU B 32 1.66 5.97 -11.93
CA GLU B 32 0.47 5.70 -12.80
C GLU B 32 -0.65 6.71 -12.47
N VAL B 33 -0.92 6.96 -11.18
CA VAL B 33 -1.96 7.95 -10.82
C VAL B 33 -1.52 9.32 -11.34
N GLU B 34 -0.28 9.73 -11.06
CA GLU B 34 0.31 10.99 -11.61
C GLU B 34 0.02 11.07 -13.12
N GLU B 35 0.48 10.10 -13.93
CA GLU B 35 0.37 10.10 -15.41
C GLU B 35 -1.06 10.40 -15.85
N ASN B 36 -2.07 10.06 -15.04
CA ASN B 36 -3.49 10.10 -15.47
C ASN B 36 -4.26 11.29 -14.90
N ILE B 37 -3.86 11.80 -13.73
CA ILE B 37 -4.66 12.73 -12.87
C ILE B 37 -3.96 14.07 -12.74
N GLY B 38 -2.63 14.12 -12.92
CA GLY B 38 -1.78 15.30 -12.64
C GLY B 38 -1.29 15.40 -11.19
N GLU B 39 -1.60 14.44 -10.32
CA GLU B 39 -1.30 14.49 -8.87
C GLU B 39 -0.71 13.15 -8.43
N LYS B 40 0.40 13.15 -7.68
CA LYS B 40 1.17 11.92 -7.37
C LYS B 40 0.98 11.55 -5.90
N PRO B 41 0.15 10.53 -5.57
CA PRO B 41 0.00 10.11 -4.18
C PRO B 41 1.28 9.49 -3.61
N ASN B 42 1.34 9.32 -2.29
CA ASN B 42 2.51 8.74 -1.60
C ASN B 42 2.33 7.22 -1.54
N ARG B 43 1.15 6.71 -1.92
CA ARG B 43 0.89 5.24 -1.85
C ARG B 43 -0.11 4.79 -2.92
N ASP B 44 -0.06 3.49 -3.18
CA ASP B 44 -0.88 2.77 -4.17
C ASP B 44 -2.32 3.23 -3.99
N LYS B 45 -3.05 3.35 -5.11
CA LYS B 45 -4.54 3.48 -5.13
C LYS B 45 -5.17 2.28 -5.84
N ILE B 46 -6.41 1.94 -5.48
CA ILE B 46 -7.29 0.98 -6.21
C ILE B 46 -8.36 1.79 -6.92
N CYS B 47 -8.52 1.63 -8.23
CA CYS B 47 -9.54 2.34 -9.04
C CYS B 47 -10.71 1.42 -9.29
N HIS B 48 -11.83 1.68 -8.61
CA HIS B 48 -13.12 0.96 -8.76
C HIS B 48 -13.93 1.69 -9.84
N SER B 49 -14.32 1.00 -10.92
CA SER B 49 -14.92 1.68 -12.10
C SER B 49 -16.27 1.04 -12.43
N THR B 50 -17.16 1.82 -13.03
CA THR B 50 -18.47 1.35 -13.56
C THR B 50 -18.90 2.19 -14.76
N SER B 51 -19.67 1.60 -15.66
CA SER B 51 -20.35 2.28 -16.80
C SER B 51 -21.84 2.40 -16.45
N LEU B 52 -22.40 3.60 -16.54
CA LEU B 52 -23.85 3.84 -16.23
C LEU B 52 -24.64 3.83 -17.54
N GLU B 53 -25.96 3.66 -17.41
CA GLU B 53 -26.95 3.60 -18.53
C GLU B 53 -26.86 4.89 -19.37
N ASP B 54 -26.77 6.08 -18.75
CA ASP B 54 -26.64 7.38 -19.47
C ASP B 54 -25.31 7.48 -20.23
N GLY B 55 -24.46 6.46 -20.15
CA GLY B 55 -23.17 6.40 -20.88
C GLY B 55 -22.01 6.98 -20.09
N ARG B 56 -22.24 7.46 -18.86
CA ARG B 56 -21.17 8.02 -17.99
C ARG B 56 -20.32 6.88 -17.41
N VAL B 57 -19.03 7.17 -17.26
CA VAL B 57 -18.00 6.28 -16.62
C VAL B 57 -17.55 6.95 -15.32
N ILE B 58 -17.85 6.31 -14.20
CA ILE B 58 -17.52 6.78 -12.82
C ILE B 58 -16.32 5.96 -12.30
N MET B 59 -15.31 6.64 -11.74
CA MET B 59 -14.09 6.00 -11.18
C MET B 59 -13.86 6.49 -9.75
N LEU B 60 -13.99 5.59 -8.76
CA LEU B 60 -13.57 5.86 -7.36
C LEU B 60 -12.18 5.27 -7.11
N LEU B 61 -11.20 6.15 -6.88
CA LEU B 61 -9.85 5.84 -6.34
C LEU B 61 -9.91 5.69 -4.82
N THR B 62 -9.41 4.58 -4.28
CA THR B 62 -9.35 4.34 -2.81
C THR B 62 -7.94 3.91 -2.41
N GLU B 63 -7.67 3.92 -1.11
CA GLU B 63 -6.46 3.29 -0.53
C GLU B 63 -6.58 1.77 -0.74
N LEU B 64 -5.55 1.04 -0.35
CA LEU B 64 -5.50 -0.43 -0.53
C LEU B 64 -6.47 -1.07 0.45
N GLU B 65 -6.69 -2.36 0.28
CA GLU B 65 -7.19 -3.28 1.33
C GLU B 65 -6.44 -2.96 2.63
N PRO B 66 -7.05 -3.17 3.81
CA PRO B 66 -8.38 -3.77 3.93
C PRO B 66 -9.53 -2.76 4.02
N ASN B 67 -9.18 -1.48 4.18
CA ASN B 67 -10.09 -0.36 4.53
C ASN B 67 -9.96 0.60 3.33
N TYR B 68 -10.78 0.35 2.32
CA TYR B 68 -10.62 0.94 0.95
C TYR B 68 -11.10 2.38 1.02
N THR B 69 -10.45 3.18 1.87
CA THR B 69 -10.86 4.56 2.22
C THR B 69 -10.84 5.38 0.94
N PRO B 70 -11.94 6.08 0.57
CA PRO B 70 -11.95 6.94 -0.60
C PRO B 70 -10.78 7.93 -0.59
N TRP B 71 -10.45 8.47 -1.77
CA TRP B 71 -9.33 9.41 -1.99
C TRP B 71 -9.76 10.47 -3.01
N LYS B 72 -10.31 10.04 -4.15
CA LYS B 72 -11.02 10.92 -5.10
C LYS B 72 -12.08 10.11 -5.84
N LEU B 73 -13.13 10.80 -6.28
CA LEU B 73 -14.19 10.26 -7.17
C LEU B 73 -14.16 11.09 -8.45
N LEU B 74 -14.22 10.44 -9.61
CA LEU B 74 -14.00 11.10 -10.92
C LEU B 74 -15.05 10.64 -11.93
N GLU B 75 -15.48 11.55 -12.80
CA GLU B 75 -16.34 11.27 -13.99
C GLU B 75 -15.47 11.55 -15.24
N LEU B 76 -15.66 10.74 -16.28
CA LEU B 76 -14.85 10.77 -17.52
C LEU B 76 -15.44 11.80 -18.50
N GLU B 77 -14.63 12.76 -18.94
CA GLU B 77 -15.08 13.91 -19.78
C GLU B 77 -14.27 13.94 -21.07
N GLU B 78 -14.80 14.67 -22.07
CA GLU B 78 -14.26 14.76 -23.47
C GLU B 78 -12.72 14.76 -23.43
N ASP B 79 -12.10 15.74 -22.74
CA ASP B 79 -10.63 15.77 -22.48
C ASP B 79 -10.38 16.17 -21.03
N GLY B 80 -9.78 15.27 -20.26
CA GLY B 80 -9.64 15.35 -18.80
C GLY B 80 -10.73 14.58 -18.07
N PHE B 81 -10.83 14.82 -16.76
CA PHE B 81 -11.82 14.24 -15.82
C PHE B 81 -12.53 15.36 -15.05
N LYS B 82 -13.65 15.02 -14.41
CA LYS B 82 -14.36 15.91 -13.45
C LYS B 82 -14.20 15.33 -12.03
N GLU B 83 -13.56 16.09 -11.13
CA GLU B 83 -13.46 15.79 -9.68
C GLU B 83 -14.84 15.94 -9.07
N LEU B 84 -15.35 14.91 -8.40
CA LEU B 84 -16.64 14.98 -7.69
C LEU B 84 -16.39 14.85 -6.18
N TYR B 85 -15.14 14.64 -5.79
CA TYR B 85 -14.74 14.43 -4.37
C TYR B 85 -13.22 14.38 -4.28
N SER B 86 -12.67 14.93 -3.19
CA SER B 86 -11.20 15.06 -2.98
C SER B 86 -10.88 15.12 -1.48
N LYS B 87 -9.64 15.45 -1.12
CA LYS B 87 -9.12 15.34 0.28
C LYS B 87 -8.04 16.40 0.57
N SER B 88 -8.45 17.66 0.72
CA SER B 88 -7.66 18.80 1.24
C SER B 88 -6.69 18.39 2.37
N MET C 1 -4.60 31.97 20.68
CA MET C 1 -5.38 30.91 20.01
C MET C 1 -5.23 29.61 20.83
N GLU C 2 -6.33 28.90 20.98
CA GLU C 2 -6.47 27.73 21.87
C GLU C 2 -6.83 26.51 21.03
N TRP C 3 -6.42 25.32 21.46
CA TRP C 3 -6.81 24.04 20.80
C TRP C 3 -8.35 23.98 20.69
N SER C 4 -9.09 24.36 21.73
CA SER C 4 -10.58 24.35 21.73
C SER C 4 -11.10 24.95 20.42
N GLN C 5 -10.62 26.14 20.03
CA GLN C 5 -11.13 26.87 18.86
C GLN C 5 -10.74 26.10 17.60
N ILE C 6 -9.51 25.62 17.55
CA ILE C 6 -8.97 24.88 16.36
C ILE C 6 -9.73 23.55 16.23
N PHE C 7 -9.98 22.83 17.32
CA PHE C 7 -10.74 21.56 17.26
C PHE C 7 -12.17 21.84 16.78
N HIS C 8 -12.80 22.88 17.31
CA HIS C 8 -14.15 23.30 16.87
C HIS C 8 -14.18 23.55 15.35
N ASP C 9 -13.27 24.35 14.79
CA ASP C 9 -13.27 24.66 13.33
C ASP C 9 -13.07 23.38 12.53
N ILE C 10 -12.18 22.51 12.97
CA ILE C 10 -11.87 21.24 12.26
C ILE C 10 -13.12 20.36 12.24
N THR C 11 -13.89 20.30 13.34
CA THR C 11 -15.07 19.39 13.51
C THR C 11 -16.33 20.00 12.87
N THR C 12 -16.32 21.28 12.53
CA THR C 12 -17.33 21.90 11.63
C THR C 12 -17.09 21.46 10.19
N LYS C 13 -15.83 21.43 9.77
CA LYS C 13 -15.44 21.33 8.33
C LYS C 13 -15.50 19.85 7.89
N HIS C 14 -15.43 18.92 8.84
CA HIS C 14 -15.42 17.46 8.56
C HIS C 14 -16.35 16.76 9.55
N ASP C 15 -17.12 15.76 9.10
CA ASP C 15 -17.97 14.93 10.01
C ASP C 15 -17.13 13.74 10.52
N PHE C 16 -16.81 13.73 11.81
CA PHE C 16 -16.00 12.67 12.48
C PHE C 16 -16.91 11.65 13.20
N LYS C 17 -18.23 11.75 13.02
CA LYS C 17 -19.20 10.82 13.66
C LYS C 17 -18.78 9.37 13.39
N ALA C 18 -18.61 8.98 12.12
CA ALA C 18 -18.33 7.58 11.70
C ALA C 18 -17.05 7.10 12.40
N MET C 19 -16.06 7.99 12.52
CA MET C 19 -14.75 7.68 13.16
C MET C 19 -14.95 7.44 14.67
N HIS C 20 -15.71 8.32 15.36
CA HIS C 20 -15.96 8.27 16.83
C HIS C 20 -16.80 7.02 17.16
N ASP C 21 -17.83 6.72 16.35
CA ASP C 21 -18.60 5.43 16.45
C ASP C 21 -17.65 4.23 16.28
N PHE C 22 -16.88 4.17 15.20
CA PHE C 22 -15.92 3.07 14.97
C PHE C 22 -15.00 2.94 16.20
N LEU C 23 -14.45 4.05 16.67
CA LEU C 23 -13.42 4.02 17.73
C LEU C 23 -14.06 3.60 19.04
N GLU C 24 -15.28 4.04 19.31
CA GLU C 24 -16.12 3.61 20.46
C GLU C 24 -16.15 2.07 20.48
N LYS C 25 -16.58 1.48 19.37
CA LYS C 25 -16.74 0.02 19.14
C LYS C 25 -15.38 -0.69 19.26
N GLU C 26 -14.28 -0.01 18.92
CA GLU C 26 -12.92 -0.61 18.91
C GLU C 26 -12.43 -0.76 20.35
N TYR C 27 -12.62 0.27 21.16
CA TYR C 27 -12.23 0.29 22.59
C TYR C 27 -13.09 -0.73 23.38
N SER C 28 -14.32 -0.96 22.92
CA SER C 28 -15.29 -1.91 23.51
C SER C 28 -14.86 -3.37 23.31
N THR C 29 -14.24 -3.68 22.15
CA THR C 29 -14.13 -5.07 21.61
C THR C 29 -12.67 -5.46 21.37
N ALA C 30 -11.71 -4.54 21.54
CA ALA C 30 -10.28 -4.80 21.30
C ALA C 30 -9.44 -4.05 22.33
N ILE C 31 -8.17 -4.43 22.38
CA ILE C 31 -7.07 -3.66 23.01
C ILE C 31 -6.68 -2.56 22.02
N VAL C 32 -6.92 -1.30 22.37
CA VAL C 32 -6.55 -0.13 21.53
C VAL C 32 -5.61 0.73 22.36
N TYR C 33 -4.47 1.12 21.78
CA TYR C 33 -3.44 1.98 22.42
C TYR C 33 -3.41 3.36 21.75
N PRO C 34 -3.14 4.45 22.50
CA PRO C 34 -2.93 4.38 23.94
C PRO C 34 -4.27 4.32 24.68
N ASP C 35 -4.24 4.33 26.02
CA ASP C 35 -5.48 4.32 26.82
C ASP C 35 -6.35 5.49 26.34
N ARG C 36 -7.66 5.28 26.25
CA ARG C 36 -8.65 6.30 25.80
C ARG C 36 -8.21 7.68 26.31
N GLU C 37 -7.87 7.78 27.60
CA GLU C 37 -7.68 9.06 28.35
C GLU C 37 -6.41 9.80 27.87
N ASN C 38 -5.54 9.17 27.07
CA ASN C 38 -4.24 9.75 26.62
C ASN C 38 -4.21 10.09 25.11
N ILE C 39 -5.26 9.80 24.35
CA ILE C 39 -5.29 9.96 22.86
C ILE C 39 -4.77 11.35 22.48
N TYR C 40 -5.11 12.38 23.27
CA TYR C 40 -4.80 13.81 22.97
C TYR C 40 -3.67 14.36 23.86
N GLN C 41 -2.88 13.52 24.53
CA GLN C 41 -1.89 13.98 25.54
C GLN C 41 -0.92 15.02 24.94
N ALA C 42 -0.58 14.90 23.67
CA ALA C 42 0.40 15.80 23.01
C ALA C 42 -0.17 17.22 23.02
N PHE C 43 -1.49 17.35 22.88
CA PHE C 43 -2.25 18.63 22.89
C PHE C 43 -2.36 19.21 24.30
N ASP C 44 -2.56 18.36 25.32
CA ASP C 44 -2.73 18.77 26.74
C ASP C 44 -1.41 19.37 27.23
N LEU C 45 -0.29 18.67 27.05
CA LEU C 45 1.03 19.08 27.57
C LEU C 45 1.65 20.21 26.70
N THR C 46 1.16 20.43 25.48
CA THR C 46 1.66 21.50 24.58
C THR C 46 0.50 22.31 24.01
N PRO C 47 -0.02 23.26 24.80
CA PRO C 47 -1.02 24.22 24.30
C PRO C 47 -0.59 24.79 22.95
N PHE C 48 -1.54 25.18 22.11
CA PHE C 48 -1.25 25.74 20.76
C PHE C 48 -0.19 26.84 20.90
N GLU C 49 -0.33 27.73 21.88
CA GLU C 49 0.51 28.97 21.92
C GLU C 49 1.92 28.65 22.40
N ASN C 50 2.17 27.45 22.93
CA ASN C 50 3.50 27.06 23.45
C ASN C 50 4.26 26.26 22.40
N ILE C 51 3.63 25.95 21.26
CA ILE C 51 4.30 25.18 20.18
C ILE C 51 5.49 26.00 19.68
N LYS C 52 6.69 25.44 19.84
CA LYS C 52 7.92 25.97 19.24
C LYS C 52 8.39 25.03 18.14
N VAL C 53 8.15 23.74 18.33
CA VAL C 53 8.67 22.64 17.49
C VAL C 53 7.57 21.59 17.34
N VAL C 54 7.38 21.10 16.13
CA VAL C 54 6.49 19.95 15.81
C VAL C 54 7.40 18.79 15.37
N ILE C 55 7.31 17.65 16.02
CA ILE C 55 7.92 16.37 15.58
C ILE C 55 6.78 15.39 15.24
N LEU C 56 6.69 14.98 13.97
CA LEU C 56 5.64 14.07 13.47
C LEU C 56 6.10 12.63 13.65
N GLY C 57 5.21 11.79 14.17
CA GLY C 57 5.36 10.33 14.13
C GLY C 57 4.31 9.71 13.22
N GLN C 58 4.34 8.39 13.08
CA GLN C 58 3.35 7.67 12.26
C GLN C 58 2.17 7.30 13.16
N ASP C 59 2.13 6.06 13.65
CA ASP C 59 1.04 5.61 14.55
C ASP C 59 1.63 5.26 15.92
N PRO C 60 0.78 5.23 16.98
CA PRO C 60 1.25 4.91 18.32
C PRO C 60 1.87 3.51 18.32
N TYR C 61 2.78 3.26 19.25
CA TYR C 61 3.28 1.92 19.63
C TYR C 61 2.07 1.03 19.90
N HIS C 62 2.14 -0.24 19.52
CA HIS C 62 1.00 -1.20 19.55
C HIS C 62 1.25 -2.34 20.56
N GLY C 63 2.29 -2.22 21.40
CA GLY C 63 2.58 -3.14 22.52
C GLY C 63 2.08 -2.60 23.86
N PRO C 64 1.84 -3.45 24.87
CA PRO C 64 1.39 -2.98 26.18
C PRO C 64 2.44 -2.12 26.88
N ASN C 65 1.96 -1.10 27.60
CA ASN C 65 2.74 -0.21 28.48
C ASN C 65 3.79 0.55 27.67
N GLN C 66 3.44 0.96 26.44
CA GLN C 66 4.31 1.67 25.47
C GLN C 66 3.76 3.08 25.23
N ALA C 67 2.81 3.23 24.31
CA ALA C 67 2.24 4.54 23.88
C ALA C 67 1.46 5.21 25.02
N HIS C 68 1.55 6.54 25.14
CA HIS C 68 0.74 7.34 26.10
C HIS C 68 0.26 8.66 25.47
N GLY C 69 0.22 8.73 24.12
CA GLY C 69 -0.38 9.87 23.38
C GLY C 69 0.67 10.88 22.94
N LEU C 70 1.96 10.55 23.09
CA LEU C 70 3.11 11.29 22.52
C LEU C 70 3.81 10.44 21.47
N ALA C 71 4.17 11.06 20.35
CA ALA C 71 5.06 10.49 19.32
C ALA C 71 6.36 10.06 19.98
N PHE C 72 6.88 8.87 19.66
CA PHE C 72 8.24 8.35 19.98
C PHE C 72 8.38 8.02 21.46
N SER C 73 7.76 8.78 22.34
CA SER C 73 7.82 8.54 23.81
C SER C 73 7.24 7.15 24.13
N VAL C 74 7.75 6.52 25.18
CA VAL C 74 7.05 5.40 25.88
C VAL C 74 6.94 5.72 27.36
N GLN C 75 6.22 4.87 28.10
CA GLN C 75 6.05 4.94 29.57
C GLN C 75 7.41 4.88 30.27
N PRO C 76 7.52 5.60 31.42
CA PRO C 76 8.82 5.81 32.05
C PRO C 76 9.59 4.51 32.36
N ASN C 77 8.87 3.45 32.73
CA ASN C 77 9.47 2.16 33.18
C ASN C 77 9.19 1.12 32.10
N ALA C 78 9.45 1.47 30.84
CA ALA C 78 9.25 0.63 29.64
C ALA C 78 10.53 0.54 28.81
N LYS C 79 10.69 -0.54 28.05
CA LYS C 79 11.92 -0.78 27.27
C LYS C 79 12.12 0.39 26.29
N PHE C 80 13.36 0.84 26.06
CA PHE C 80 13.67 1.94 25.11
C PHE C 80 13.60 1.41 23.68
N PRO C 81 12.59 1.78 22.87
CA PRO C 81 12.50 1.28 21.51
C PRO C 81 13.67 1.76 20.65
N PRO C 82 14.03 1.03 19.58
CA PRO C 82 15.24 1.34 18.81
C PRO C 82 15.33 2.76 18.27
N SER C 83 14.24 3.32 17.75
CA SER C 83 14.21 4.67 17.13
C SER C 83 14.57 5.71 18.20
N LEU C 84 14.00 5.56 19.40
CA LEU C 84 14.27 6.44 20.55
C LEU C 84 15.73 6.32 20.96
N ARG C 85 16.26 5.09 21.03
CA ARG C 85 17.70 4.84 21.33
C ARG C 85 18.55 5.67 20.36
N ASN C 86 18.18 5.73 19.09
CA ASN C 86 19.00 6.44 18.07
C ASN C 86 18.80 7.95 18.22
N MET C 87 17.58 8.39 18.57
CA MET C 87 17.26 9.80 18.89
C MET C 87 18.12 10.24 20.08
N TYR C 88 18.23 9.40 21.09
CA TYR C 88 18.96 9.64 22.35
C TYR C 88 20.47 9.64 22.07
N LYS C 89 20.95 8.74 21.21
CA LYS C 89 22.37 8.65 20.78
C LYS C 89 22.78 9.95 20.08
N GLU C 90 21.97 10.40 19.11
CA GLU C 90 22.26 11.64 18.33
C GLU C 90 22.17 12.84 19.28
N LEU C 91 21.20 12.85 20.18
CA LEU C 91 21.01 13.95 21.15
C LEU C 91 22.29 14.08 21.99
N ALA C 92 22.91 12.96 22.38
CA ALA C 92 24.15 12.96 23.19
C ALA C 92 25.30 13.48 22.34
N ASP C 93 25.37 13.03 21.09
CA ASP C 93 26.41 13.42 20.11
C ASP C 93 26.20 14.90 19.76
N ASP C 94 24.95 15.40 19.76
CA ASP C 94 24.56 16.76 19.27
C ASP C 94 24.62 17.78 20.41
N ILE C 95 23.70 17.69 21.37
CA ILE C 95 23.57 18.65 22.52
C ILE C 95 24.62 18.29 23.58
N GLY C 96 24.78 17.01 23.90
CA GLY C 96 25.75 16.53 24.90
C GLY C 96 25.13 15.62 25.93
N CYS C 97 23.82 15.73 26.19
CA CYS C 97 23.18 15.03 27.34
C CYS C 97 22.67 13.64 26.93
N VAL C 98 22.62 12.78 27.94
CA VAL C 98 22.24 11.35 27.84
C VAL C 98 20.96 11.15 28.66
N ARG C 99 19.84 10.87 28.02
CA ARG C 99 18.53 10.78 28.71
C ARG C 99 18.43 9.38 29.33
N GLN C 100 18.04 9.34 30.60
CA GLN C 100 17.95 8.12 31.44
C GLN C 100 16.52 7.57 31.39
N THR C 101 15.55 8.43 31.09
CA THR C 101 14.10 8.09 30.93
C THR C 101 13.75 8.07 29.44
N PRO C 102 12.85 7.17 29.00
CA PRO C 102 12.31 7.22 27.63
C PRO C 102 10.96 7.97 27.51
N HIS C 103 10.57 8.71 28.56
CA HIS C 103 9.35 9.54 28.62
C HIS C 103 9.67 10.91 28.02
N LEU C 104 8.86 11.41 27.08
CA LEU C 104 9.12 12.72 26.40
C LEU C 104 8.10 13.77 26.87
N GLN C 105 7.49 13.62 28.04
CA GLN C 105 6.60 14.66 28.62
C GLN C 105 7.33 15.97 28.88
N ASP C 106 8.63 15.95 29.20
CA ASP C 106 9.41 17.17 29.51
C ASP C 106 9.60 17.94 28.20
N TRP C 107 9.85 17.24 27.08
CA TRP C 107 9.91 17.85 25.72
C TRP C 107 8.61 18.58 25.43
N ALA C 108 7.48 17.93 25.68
CA ALA C 108 6.12 18.44 25.37
C ALA C 108 5.89 19.74 26.14
N ARG C 109 6.29 19.75 27.41
CA ARG C 109 6.16 20.93 28.32
C ARG C 109 7.11 22.04 27.82
N GLU C 110 8.25 21.71 27.24
CA GLU C 110 9.23 22.69 26.69
C GLU C 110 8.65 23.38 25.45
N GLY C 111 7.71 22.73 24.74
CA GLY C 111 7.04 23.31 23.56
C GLY C 111 7.17 22.45 22.30
N VAL C 112 7.51 21.18 22.45
CA VAL C 112 7.58 20.17 21.34
C VAL C 112 6.24 19.42 21.21
N LEU C 113 5.45 19.78 20.20
CA LEU C 113 4.23 19.04 19.81
C LEU C 113 4.70 17.72 19.22
N LEU C 114 4.58 16.64 20.00
CA LEU C 114 4.95 15.27 19.59
C LEU C 114 3.70 14.60 19.01
N LEU C 115 3.40 14.95 17.76
CA LEU C 115 2.12 14.60 17.11
C LEU C 115 2.33 13.41 16.19
N ASN C 116 1.73 12.28 16.55
CA ASN C 116 1.50 11.13 15.65
C ASN C 116 0.45 11.56 14.62
N THR C 117 0.64 11.18 13.36
CA THR C 117 -0.30 11.49 12.26
C THR C 117 -1.57 10.67 12.46
N VAL C 118 -1.41 9.50 13.07
CA VAL C 118 -2.51 8.56 13.47
C VAL C 118 -2.42 8.36 14.98
N LEU C 119 -3.51 8.60 15.71
CA LEU C 119 -3.49 8.74 17.19
C LEU C 119 -3.96 7.48 17.92
N THR C 120 -4.36 6.42 17.21
CA THR C 120 -4.73 5.12 17.84
C THR C 120 -4.23 3.95 16.98
N VAL C 121 -4.25 2.75 17.55
CA VAL C 121 -3.80 1.49 16.88
C VAL C 121 -4.30 0.31 17.70
N ARG C 122 -4.71 -0.79 17.05
CA ARG C 122 -5.06 -2.06 17.72
C ARG C 122 -3.78 -2.75 18.16
N GLN C 123 -3.81 -3.47 19.28
CA GLN C 123 -2.63 -4.21 19.79
C GLN C 123 -2.00 -5.04 18.67
N GLY C 124 -0.69 -4.94 18.50
CA GLY C 124 0.14 -5.81 17.64
C GLY C 124 -0.08 -5.59 16.15
N GLU C 125 -0.86 -4.57 15.78
CA GLU C 125 -1.30 -4.37 14.38
C GLU C 125 -0.86 -2.99 13.88
N ALA C 126 0.37 -2.88 13.38
CA ALA C 126 0.91 -1.62 12.84
C ALA C 126 -0.08 -1.06 11.81
N ASN C 127 -0.46 0.21 11.91
CA ASN C 127 -1.29 0.90 10.88
C ASN C 127 -2.76 0.46 10.91
N SER C 128 -3.18 -0.37 11.86
CA SER C 128 -4.60 -0.84 11.94
C SER C 128 -5.59 0.33 11.81
N HIS C 129 -5.30 1.53 12.31
CA HIS C 129 -6.24 2.68 12.31
C HIS C 129 -5.75 3.78 11.35
N ARG C 130 -4.86 3.43 10.42
CA ARG C 130 -4.52 4.32 9.28
C ARG C 130 -5.84 4.62 8.55
N ASP C 131 -6.05 5.88 8.18
CA ASP C 131 -7.16 6.33 7.29
C ASP C 131 -8.53 5.82 7.75
N ILE C 132 -8.79 5.88 9.06
CA ILE C 132 -10.15 5.98 9.65
C ILE C 132 -10.54 7.45 9.83
N GLY C 133 -9.67 8.42 9.48
CA GLY C 133 -10.00 9.86 9.63
C GLY C 133 -8.92 10.65 10.38
N TRP C 134 -8.04 9.98 11.13
CA TRP C 134 -6.99 10.63 11.97
C TRP C 134 -6.12 11.56 11.09
N GLU C 135 -5.81 11.19 9.83
CA GLU C 135 -4.93 12.03 8.98
C GLU C 135 -5.72 13.29 8.57
N THR C 136 -7.03 13.19 8.40
CA THR C 136 -7.85 14.38 8.08
C THR C 136 -7.62 15.37 9.23
N PHE C 137 -7.72 14.89 10.48
CA PHE C 137 -7.63 15.72 11.70
C PHE C 137 -6.22 16.32 11.78
N THR C 138 -5.23 15.45 11.86
CA THR C 138 -3.78 15.75 11.98
C THR C 138 -3.32 16.74 10.88
N ASP C 139 -3.81 16.55 9.66
CA ASP C 139 -3.42 17.41 8.51
C ASP C 139 -3.92 18.82 8.84
N GLU C 140 -5.15 18.92 9.34
CA GLU C 140 -5.78 20.22 9.68
C GLU C 140 -5.00 20.85 10.84
N ILE C 141 -4.54 20.03 11.80
CA ILE C 141 -3.69 20.49 12.94
C ILE C 141 -2.43 21.13 12.36
N ILE C 142 -1.74 20.38 11.50
CA ILE C 142 -0.46 20.81 10.87
C ILE C 142 -0.75 22.08 10.07
N LYS C 143 -1.85 22.11 9.30
CA LYS C 143 -2.23 23.31 8.51
C LYS C 143 -2.47 24.49 9.48
N ALA C 144 -3.14 24.24 10.61
CA ALA C 144 -3.51 25.29 11.59
C ALA C 144 -2.22 25.88 12.18
N VAL C 145 -1.31 25.00 12.62
CA VAL C 145 0.00 25.42 13.22
C VAL C 145 0.73 26.31 12.22
N SER C 146 0.70 25.97 10.92
CA SER C 146 1.41 26.74 9.86
C SER C 146 0.69 28.08 9.62
N ASP C 147 -0.64 28.08 9.53
CA ASP C 147 -1.46 29.28 9.15
C ASP C 147 -1.44 30.33 10.27
N TYR C 148 -1.55 29.94 11.55
CA TYR C 148 -1.76 30.90 12.66
C TYR C 148 -0.46 31.20 13.42
N LYS C 149 0.50 30.27 13.45
CA LYS C 149 1.78 30.51 14.15
C LYS C 149 2.74 31.20 13.17
N GLU C 150 3.77 31.88 13.68
CA GLU C 150 4.61 32.80 12.87
C GLU C 150 5.85 32.07 12.38
N HIS C 151 6.62 31.48 13.31
CA HIS C 151 7.95 30.85 13.02
C HIS C 151 8.08 29.57 13.84
N VAL C 152 7.67 28.44 13.27
CA VAL C 152 7.73 27.12 13.96
C VAL C 152 8.73 26.23 13.23
N VAL C 153 9.41 25.38 13.99
CA VAL C 153 10.28 24.27 13.50
C VAL C 153 9.44 23.01 13.34
N PHE C 154 9.32 22.53 12.11
CA PHE C 154 8.79 21.17 11.79
C PHE C 154 9.97 20.24 11.55
N ILE C 155 10.16 19.24 12.41
CA ILE C 155 11.16 18.15 12.24
C ILE C 155 10.47 16.94 11.62
N LEU C 156 10.87 16.56 10.41
CA LEU C 156 10.22 15.53 9.57
C LEU C 156 11.21 14.38 9.29
N TRP C 157 11.05 13.27 10.02
CA TRP C 157 11.90 12.05 9.93
C TRP C 157 11.26 11.01 9.01
N GLY C 158 11.94 10.69 7.90
CA GLY C 158 11.45 9.75 6.86
C GLY C 158 10.43 10.40 5.94
N LYS C 159 10.16 9.75 4.80
CA LYS C 159 9.41 10.32 3.67
C LYS C 159 7.94 10.52 4.04
N PRO C 160 7.27 9.55 4.70
CA PRO C 160 5.87 9.75 5.06
C PRO C 160 5.67 11.07 5.80
N ALA C 161 6.52 11.38 6.79
CA ALA C 161 6.51 12.66 7.54
C ALA C 161 6.78 13.83 6.58
N GLN C 162 7.76 13.67 5.68
CA GLN C 162 8.19 14.73 4.72
C GLN C 162 7.08 15.04 3.72
N GLN C 163 6.09 14.16 3.54
CA GLN C 163 4.95 14.46 2.63
C GLN C 163 4.14 15.66 3.15
N LYS C 164 4.24 15.98 4.44
CA LYS C 164 3.42 17.06 5.06
C LYS C 164 3.98 18.46 4.75
N ILE C 165 5.14 18.59 4.10
CA ILE C 165 5.72 19.90 3.65
C ILE C 165 4.67 20.62 2.80
N LYS C 166 3.85 19.87 2.07
CA LYS C 166 2.65 20.38 1.32
C LYS C 166 1.82 21.31 2.21
N LEU C 167 1.64 20.98 3.48
CA LEU C 167 0.73 21.71 4.41
C LEU C 167 1.45 22.90 5.06
N ILE C 168 2.78 22.97 4.94
CA ILE C 168 3.65 23.96 5.64
C ILE C 168 3.97 25.12 4.67
N ASP C 169 3.82 26.35 5.17
CA ASP C 169 4.28 27.57 4.45
C ASP C 169 5.77 27.74 4.71
N THR C 170 6.62 27.26 3.79
CA THR C 170 8.09 27.08 4.03
C THR C 170 8.81 28.42 3.97
N SER C 171 8.07 29.50 3.76
CA SER C 171 8.57 30.90 3.79
C SER C 171 8.43 31.48 5.21
N LYS C 172 7.48 30.99 6.02
CA LYS C 172 7.24 31.42 7.44
C LYS C 172 8.02 30.53 8.42
N HIS C 173 8.19 29.25 8.07
CA HIS C 173 8.53 28.15 9.01
C HIS C 173 9.84 27.47 8.62
N CYS C 174 10.53 26.93 9.61
CA CYS C 174 11.79 26.16 9.48
C CYS C 174 11.43 24.69 9.29
N ILE C 175 12.06 24.03 8.33
CA ILE C 175 11.84 22.60 8.04
C ILE C 175 13.17 21.88 8.26
N ILE C 176 13.24 20.98 9.24
CA ILE C 176 14.42 20.10 9.49
C ILE C 176 13.99 18.69 9.08
N LYS C 177 14.53 18.19 7.97
CA LYS C 177 14.13 16.88 7.38
C LYS C 177 15.37 16.00 7.33
N SER C 178 15.19 14.70 7.50
CA SER C 178 16.27 13.68 7.51
C SER C 178 15.63 12.29 7.41
N VAL C 179 16.44 11.30 7.06
CA VAL C 179 16.04 9.86 7.10
C VAL C 179 15.62 9.50 8.53
N HIS C 180 14.77 8.46 8.66
CA HIS C 180 14.16 8.04 9.95
C HIS C 180 15.26 7.62 10.92
N PRO C 181 15.08 7.85 12.23
CA PRO C 181 16.02 7.34 13.23
C PRO C 181 15.89 5.83 13.49
N SER C 182 14.98 5.12 12.81
CA SER C 182 14.93 3.63 12.82
C SER C 182 16.30 3.08 12.46
N PRO C 183 16.68 1.91 13.03
CA PRO C 183 18.02 1.35 12.82
C PRO C 183 18.25 0.91 11.37
N LEU C 184 17.16 0.78 10.60
CA LEU C 184 17.20 0.53 9.13
C LEU C 184 17.80 1.74 8.39
N SER C 185 17.58 2.96 8.87
CA SER C 185 17.87 4.20 8.11
C SER C 185 18.92 5.07 8.81
N ALA C 186 19.09 4.91 10.13
CA ALA C 186 19.80 5.86 11.03
C ALA C 186 21.24 6.10 10.55
N TYR C 187 21.99 5.05 10.19
CA TYR C 187 23.45 5.15 9.86
C TYR C 187 23.63 5.76 8.48
N ARG C 188 22.55 5.92 7.72
CA ARG C 188 22.58 6.53 6.36
C ARG C 188 22.03 7.96 6.41
N GLY C 189 22.28 8.69 7.50
CA GLY C 189 22.16 10.15 7.53
C GLY C 189 21.50 10.74 8.77
N PHE C 190 21.05 9.96 9.74
CA PHE C 190 20.37 10.52 10.94
C PHE C 190 21.42 10.93 11.98
N PHE C 191 22.44 10.11 12.14
CA PHE C 191 23.62 10.44 12.98
C PHE C 191 24.35 11.60 12.29
N GLY C 192 24.61 12.68 13.06
CA GLY C 192 25.19 13.95 12.56
C GLY C 192 24.14 14.85 11.93
N SER C 193 22.87 14.46 11.91
CA SER C 193 21.67 15.28 11.59
C SER C 193 21.62 16.55 12.46
N LYS C 194 21.83 16.41 13.76
CA LYS C 194 21.82 17.52 14.75
C LYS C 194 20.49 18.28 14.67
N PRO C 195 19.33 17.59 14.70
CA PRO C 195 18.04 18.26 14.60
C PRO C 195 17.81 19.17 15.82
N TYR C 196 18.42 18.81 16.96
CA TYR C 196 18.16 19.45 18.26
C TYR C 196 18.86 20.82 18.35
N SER C 197 20.14 20.91 17.99
CA SER C 197 20.87 22.20 17.91
C SER C 197 20.25 23.02 16.77
N LYS C 198 19.99 22.41 15.61
CA LYS C 198 19.46 23.14 14.44
C LYS C 198 18.15 23.83 14.81
N ALA C 199 17.22 23.11 15.42
CA ALA C 199 15.97 23.66 15.99
C ALA C 199 16.26 24.86 16.89
N ASN C 200 17.17 24.72 17.88
CA ASN C 200 17.47 25.76 18.90
C ASN C 200 18.10 27.00 18.27
N THR C 201 19.05 26.82 17.34
CA THR C 201 19.66 27.89 16.52
C THR C 201 18.56 28.67 15.79
N TYR C 202 17.59 27.99 15.18
CA TYR C 202 16.50 28.66 14.42
C TYR C 202 15.60 29.42 15.42
N LEU C 203 15.21 28.79 16.53
CA LEU C 203 14.34 29.43 17.55
C LEU C 203 15.01 30.71 18.08
N GLU C 204 16.31 30.69 18.36
CA GLU C 204 17.05 31.89 18.83
C GLU C 204 17.11 32.94 17.71
N SER C 205 17.22 32.52 16.46
CA SER C 205 17.25 33.44 15.30
C SER C 205 15.93 34.22 15.19
N VAL C 206 14.84 33.76 15.81
CA VAL C 206 13.53 34.45 15.71
C VAL C 206 13.03 34.83 17.11
N GLY C 207 13.93 34.92 18.10
CA GLY C 207 13.67 35.54 19.41
C GLY C 207 12.93 34.64 20.38
N LYS C 208 12.85 33.34 20.06
CA LYS C 208 12.22 32.30 20.92
C LYS C 208 13.33 31.65 21.75
N SER C 209 12.98 31.27 22.97
CA SER C 209 13.90 30.66 23.95
C SER C 209 14.22 29.27 23.42
N PRO C 210 15.44 28.74 23.64
CA PRO C 210 15.75 27.37 23.22
C PRO C 210 14.85 26.36 23.93
N ILE C 211 14.70 25.18 23.35
CA ILE C 211 14.13 23.99 24.03
C ILE C 211 15.23 23.32 24.85
N ASN C 212 14.97 23.06 26.12
CA ASN C 212 15.83 22.21 26.96
C ASN C 212 15.54 20.74 26.62
N TRP C 213 16.39 20.13 25.79
CA TRP C 213 16.22 18.74 25.28
C TRP C 213 16.60 17.72 26.36
N CYS C 214 17.29 18.15 27.42
CA CYS C 214 17.90 17.27 28.46
C CYS C 214 16.95 17.17 29.64
N GLU C 215 17.30 16.44 30.70
CA GLU C 215 16.43 16.31 31.89
C GLU C 215 17.13 16.94 33.11
N MET D 1 5.36 -30.38 -23.12
CA MET D 1 5.21 -30.42 -21.66
C MET D 1 3.74 -30.20 -21.29
N GLU D 2 3.34 -30.68 -20.12
CA GLU D 2 1.94 -30.55 -19.63
C GLU D 2 1.92 -29.80 -18.30
N TRP D 3 0.79 -29.16 -18.03
CA TRP D 3 0.53 -28.47 -16.75
C TRP D 3 0.77 -29.43 -15.57
N SER D 4 0.33 -30.68 -15.68
CA SER D 4 0.53 -31.73 -14.63
C SER D 4 1.98 -31.69 -14.12
N GLN D 5 2.96 -31.70 -15.03
CA GLN D 5 4.40 -31.79 -14.64
C GLN D 5 4.80 -30.46 -13.99
N ILE D 6 4.36 -29.34 -14.57
CA ILE D 6 4.72 -27.98 -14.08
C ILE D 6 4.08 -27.77 -12.69
N PHE D 7 2.83 -28.19 -12.49
CA PHE D 7 2.16 -28.06 -11.18
C PHE D 7 2.92 -28.90 -10.15
N HIS D 8 3.26 -30.13 -10.51
CA HIS D 8 4.05 -31.05 -9.64
C HIS D 8 5.36 -30.38 -9.20
N ASP D 9 6.18 -29.86 -10.12
CA ASP D 9 7.51 -29.26 -9.78
C ASP D 9 7.29 -28.08 -8.82
N ILE D 10 6.29 -27.23 -9.11
CA ILE D 10 6.04 -26.01 -8.32
C ILE D 10 5.65 -26.42 -6.88
N THR D 11 4.84 -27.47 -6.73
CA THR D 11 4.26 -27.88 -5.42
C THR D 11 5.26 -28.73 -4.62
N THR D 12 6.33 -29.23 -5.24
CA THR D 12 7.45 -29.90 -4.53
C THR D 12 8.66 -28.96 -4.46
N LYS D 13 8.47 -27.65 -4.58
CA LYS D 13 9.54 -26.62 -4.46
C LYS D 13 9.05 -25.50 -3.53
N HIS D 14 7.78 -25.49 -3.17
CA HIS D 14 7.15 -24.54 -2.21
C HIS D 14 6.10 -25.32 -1.42
N ASP D 15 5.94 -25.02 -0.13
CA ASP D 15 4.86 -25.61 0.71
C ASP D 15 3.58 -24.79 0.54
N PHE D 16 2.56 -25.37 -0.10
CA PHE D 16 1.24 -24.75 -0.37
C PHE D 16 0.20 -25.21 0.66
N LYS D 17 0.61 -26.03 1.65
CA LYS D 17 -0.31 -26.53 2.70
C LYS D 17 -1.04 -25.35 3.35
N ALA D 18 -0.31 -24.39 3.90
CA ALA D 18 -0.86 -23.23 4.64
C ALA D 18 -1.88 -22.49 3.76
N MET D 19 -1.56 -22.34 2.46
CA MET D 19 -2.44 -21.61 1.50
C MET D 19 -3.72 -22.40 1.26
N HIS D 20 -3.62 -23.72 1.03
CA HIS D 20 -4.77 -24.61 0.68
C HIS D 20 -5.65 -24.76 1.93
N ASP D 21 -5.08 -24.91 3.13
CA ASP D 21 -5.83 -24.87 4.42
C ASP D 21 -6.57 -23.53 4.56
N PHE D 22 -5.89 -22.39 4.43
CA PHE D 22 -6.54 -21.06 4.49
C PHE D 22 -7.70 -21.03 3.47
N LEU D 23 -7.44 -21.44 2.24
CA LEU D 23 -8.41 -21.29 1.13
C LEU D 23 -9.61 -22.21 1.37
N GLU D 24 -9.36 -23.43 1.86
CA GLU D 24 -10.43 -24.41 2.24
C GLU D 24 -11.39 -23.70 3.21
N LYS D 25 -10.82 -23.14 4.28
CA LYS D 25 -11.53 -22.42 5.37
C LYS D 25 -12.25 -21.18 4.82
N GLU D 26 -11.72 -20.54 3.78
CA GLU D 26 -12.28 -19.28 3.22
C GLU D 26 -13.56 -19.60 2.44
N TYR D 27 -13.53 -20.65 1.62
CA TYR D 27 -14.67 -21.14 0.81
C TYR D 27 -15.78 -21.65 1.73
N SER D 28 -15.39 -22.19 2.90
CA SER D 28 -16.29 -22.74 3.94
C SER D 28 -17.10 -21.64 4.62
N THR D 29 -16.49 -20.46 4.82
CA THR D 29 -16.93 -19.44 5.82
C THR D 29 -17.20 -18.07 5.17
N ALA D 30 -16.94 -17.88 3.87
CA ALA D 30 -17.12 -16.59 3.14
C ALA D 30 -17.51 -16.88 1.70
N ILE D 31 -18.00 -15.88 0.97
CA ILE D 31 -18.23 -16.01 -0.50
C ILE D 31 -16.90 -15.70 -1.22
N VAL D 32 -16.36 -16.67 -1.94
CA VAL D 32 -15.05 -16.56 -2.65
C VAL D 32 -15.30 -16.81 -4.14
N TYR D 33 -14.76 -15.94 -5.00
CA TYR D 33 -14.86 -16.03 -6.48
C TYR D 33 -13.49 -16.36 -7.08
N PRO D 34 -13.43 -17.11 -8.21
CA PRO D 34 -14.63 -17.71 -8.83
C PRO D 34 -15.00 -19.00 -8.08
N ASP D 35 -16.04 -19.71 -8.52
CA ASP D 35 -16.41 -21.01 -7.89
C ASP D 35 -15.17 -21.92 -7.90
N ARG D 36 -14.96 -22.68 -6.83
CA ARG D 36 -13.82 -23.63 -6.66
C ARG D 36 -13.47 -24.26 -8.02
N GLU D 37 -14.46 -24.74 -8.78
CA GLU D 37 -14.22 -25.62 -9.97
C GLU D 37 -13.62 -24.82 -11.14
N ASN D 38 -13.59 -23.48 -11.07
CA ASN D 38 -13.07 -22.59 -12.15
C ASN D 38 -11.73 -21.92 -11.82
N ILE D 39 -11.19 -22.10 -10.60
CA ILE D 39 -9.94 -21.42 -10.13
C ILE D 39 -8.84 -21.55 -11.19
N TYR D 40 -8.76 -22.71 -11.85
CA TYR D 40 -7.69 -23.06 -12.82
C TYR D 40 -8.19 -23.06 -14.27
N GLN D 41 -9.34 -22.44 -14.57
CA GLN D 41 -9.97 -22.51 -15.92
C GLN D 41 -9.00 -22.06 -17.02
N ALA D 42 -8.13 -21.08 -16.74
CA ALA D 42 -7.22 -20.53 -17.76
C ALA D 42 -6.28 -21.64 -18.22
N PHE D 43 -5.90 -22.54 -17.32
CA PHE D 43 -4.97 -23.68 -17.57
C PHE D 43 -5.69 -24.82 -18.31
N ASP D 44 -6.99 -25.06 -18.01
CA ASP D 44 -7.81 -26.13 -18.64
C ASP D 44 -8.02 -25.82 -20.13
N LEU D 45 -8.50 -24.62 -20.45
CA LEU D 45 -8.80 -24.16 -21.83
C LEU D 45 -7.52 -23.85 -22.64
N THR D 46 -6.37 -23.66 -21.98
CA THR D 46 -5.08 -23.38 -22.68
C THR D 46 -4.00 -24.31 -22.16
N PRO D 47 -3.97 -25.57 -22.64
CA PRO D 47 -2.87 -26.48 -22.32
C PRO D 47 -1.53 -25.79 -22.52
N PHE D 48 -0.51 -26.19 -21.77
CA PHE D 48 0.85 -25.60 -21.82
C PHE D 48 1.29 -25.49 -23.29
N GLU D 49 1.10 -26.56 -24.06
CA GLU D 49 1.64 -26.70 -25.43
C GLU D 49 0.93 -25.78 -26.42
N ASN D 50 -0.23 -25.22 -26.08
CA ASN D 50 -1.01 -24.34 -26.99
C ASN D 50 -0.76 -22.88 -26.68
N ILE D 51 -0.02 -22.57 -25.62
CA ILE D 51 0.24 -21.15 -25.21
C ILE D 51 0.96 -20.44 -26.36
N LYS D 52 0.34 -19.40 -26.88
CA LYS D 52 0.93 -18.51 -27.92
C LYS D 52 1.10 -17.11 -27.32
N VAL D 53 0.14 -16.72 -26.48
CA VAL D 53 0.06 -15.37 -25.86
C VAL D 53 -0.32 -15.52 -24.38
N VAL D 54 0.35 -14.77 -23.52
CA VAL D 54 0.02 -14.64 -22.07
C VAL D 54 -0.45 -13.19 -21.85
N ILE D 55 -1.66 -13.03 -21.30
CA ILE D 55 -2.19 -11.73 -20.81
C ILE D 55 -2.35 -11.82 -19.30
N LEU D 56 -1.63 -10.98 -18.55
CA LEU D 56 -1.68 -10.97 -17.07
C LEU D 56 -2.80 -10.07 -16.59
N GLY D 57 -3.59 -10.55 -15.64
CA GLY D 57 -4.49 -9.73 -14.81
C GLY D 57 -3.99 -9.66 -13.37
N GLN D 58 -4.71 -8.92 -12.54
CA GLN D 58 -4.38 -8.79 -11.10
C GLN D 58 -5.16 -9.89 -10.38
N ASP D 59 -6.40 -9.55 -10.08
CA ASP D 59 -7.33 -10.18 -9.12
C ASP D 59 -8.60 -10.59 -9.88
N PRO D 60 -9.25 -11.74 -9.56
CA PRO D 60 -10.52 -12.07 -10.21
C PRO D 60 -11.54 -10.99 -9.84
N TYR D 61 -12.57 -10.81 -10.67
CA TYR D 61 -13.74 -9.97 -10.33
C TYR D 61 -14.31 -10.51 -9.02
N HIS D 62 -14.81 -9.61 -8.15
CA HIS D 62 -15.28 -9.94 -6.77
C HIS D 62 -16.79 -9.70 -6.63
N GLY D 63 -17.50 -9.48 -7.74
CA GLY D 63 -18.97 -9.42 -7.79
C GLY D 63 -19.56 -10.76 -8.23
N PRO D 64 -20.86 -11.02 -7.93
CA PRO D 64 -21.50 -12.26 -8.34
C PRO D 64 -21.64 -12.34 -9.86
N ASN D 65 -21.52 -13.54 -10.42
CA ASN D 65 -21.80 -13.89 -11.84
C ASN D 65 -20.82 -13.12 -12.74
N GLN D 66 -19.58 -12.94 -12.28
CA GLN D 66 -18.53 -12.16 -12.99
C GLN D 66 -17.37 -13.08 -13.40
N ALA D 67 -16.46 -13.37 -12.47
CA ALA D 67 -15.24 -14.19 -12.69
C ALA D 67 -15.62 -15.64 -12.98
N HIS D 68 -14.86 -16.29 -13.86
CA HIS D 68 -14.93 -17.76 -14.11
C HIS D 68 -13.53 -18.37 -14.30
N GLY D 69 -12.48 -17.72 -13.79
CA GLY D 69 -11.10 -18.27 -13.77
C GLY D 69 -10.26 -17.84 -14.97
N LEU D 70 -10.77 -16.88 -15.75
CA LEU D 70 -10.05 -16.18 -16.83
C LEU D 70 -9.87 -14.70 -16.43
N ALA D 71 -8.68 -14.17 -16.65
CA ALA D 71 -8.38 -12.73 -16.55
C ALA D 71 -9.34 -11.98 -17.48
N PHE D 72 -9.89 -10.85 -17.02
CA PHE D 72 -10.66 -9.83 -17.79
C PHE D 72 -12.02 -10.35 -18.25
N SER D 73 -12.11 -11.63 -18.63
CA SER D 73 -13.40 -12.26 -19.05
C SER D 73 -14.44 -12.14 -17.93
N VAL D 74 -15.71 -11.99 -18.29
CA VAL D 74 -16.86 -12.29 -17.38
C VAL D 74 -17.77 -13.34 -18.02
N GLN D 75 -18.73 -13.80 -17.24
CA GLN D 75 -19.83 -14.72 -17.66
C GLN D 75 -20.60 -14.13 -18.83
N PRO D 76 -21.10 -14.97 -19.77
CA PRO D 76 -21.72 -14.47 -20.99
C PRO D 76 -22.89 -13.51 -20.75
N ASN D 77 -23.64 -13.71 -19.65
CA ASN D 77 -24.84 -12.91 -19.28
C ASN D 77 -24.46 -11.59 -18.57
N ALA D 78 -23.24 -11.49 -18.06
CA ALA D 78 -22.77 -10.43 -17.14
C ALA D 78 -22.68 -9.09 -17.86
N LYS D 79 -22.85 -8.01 -17.10
CA LYS D 79 -22.58 -6.63 -17.59
C LYS D 79 -21.12 -6.57 -18.08
N PHE D 80 -20.85 -5.82 -19.16
CA PHE D 80 -19.47 -5.66 -19.69
C PHE D 80 -18.70 -4.66 -18.84
N PRO D 81 -17.70 -5.10 -18.04
CA PRO D 81 -16.94 -4.18 -17.19
C PRO D 81 -16.12 -3.18 -18.01
N PRO D 82 -15.81 -1.99 -17.46
CA PRO D 82 -15.17 -0.92 -18.24
C PRO D 82 -13.85 -1.29 -18.95
N SER D 83 -12.96 -2.05 -18.29
CA SER D 83 -11.64 -2.41 -18.85
C SER D 83 -11.86 -3.26 -20.11
N LEU D 84 -12.79 -4.20 -20.06
CA LEU D 84 -13.16 -5.08 -21.19
C LEU D 84 -13.71 -4.21 -22.33
N ARG D 85 -14.60 -3.26 -22.00
CA ARG D 85 -15.17 -2.32 -23.00
C ARG D 85 -14.03 -1.64 -23.74
N ASN D 86 -12.95 -1.26 -23.04
CA ASN D 86 -11.83 -0.53 -23.67
C ASN D 86 -10.98 -1.52 -24.49
N MET D 87 -10.83 -2.75 -24.01
CA MET D 87 -10.15 -3.85 -24.73
C MET D 87 -10.87 -4.09 -26.06
N TYR D 88 -12.19 -4.12 -26.00
CA TYR D 88 -13.10 -4.38 -27.15
C TYR D 88 -13.06 -3.19 -28.11
N LYS D 89 -13.04 -1.96 -27.60
CA LYS D 89 -12.96 -0.72 -28.39
C LYS D 89 -11.65 -0.70 -29.19
N GLU D 90 -10.52 -0.99 -28.52
CA GLU D 90 -9.17 -0.98 -29.16
C GLU D 90 -9.14 -2.11 -30.19
N LEU D 91 -9.70 -3.28 -29.83
CA LEU D 91 -9.72 -4.45 -30.74
C LEU D 91 -10.44 -4.04 -32.04
N ALA D 92 -11.52 -3.25 -31.95
CA ALA D 92 -12.33 -2.81 -33.10
C ALA D 92 -11.50 -1.82 -33.92
N ASP D 93 -10.81 -0.92 -33.24
CA ASP D 93 -9.94 0.10 -33.87
C ASP D 93 -8.73 -0.61 -34.50
N ASP D 94 -8.23 -1.70 -33.87
CA ASP D 94 -6.95 -2.39 -34.23
C ASP D 94 -7.14 -3.48 -35.29
N ILE D 95 -7.82 -4.58 -34.93
CA ILE D 95 -8.08 -5.75 -35.82
C ILE D 95 -9.23 -5.38 -36.78
N GLY D 96 -10.29 -4.73 -36.28
CA GLY D 96 -11.46 -4.31 -37.07
C GLY D 96 -12.76 -4.97 -36.66
N CYS D 97 -12.76 -5.92 -35.71
CA CYS D 97 -13.99 -6.64 -35.31
C CYS D 97 -14.52 -6.14 -33.95
N VAL D 98 -15.82 -6.35 -33.75
CA VAL D 98 -16.61 -5.91 -32.57
C VAL D 98 -17.14 -7.18 -31.89
N ARG D 99 -16.72 -7.45 -30.67
CA ARG D 99 -17.20 -8.63 -29.91
C ARG D 99 -18.54 -8.26 -29.27
N GLN D 100 -19.56 -9.10 -29.42
CA GLN D 100 -20.90 -8.91 -28.82
C GLN D 100 -21.02 -9.71 -27.52
N THR D 101 -20.11 -10.67 -27.23
CA THR D 101 -20.02 -11.44 -25.95
C THR D 101 -18.86 -10.91 -25.11
N PRO D 102 -18.97 -10.89 -23.75
CA PRO D 102 -17.82 -10.55 -22.89
C PRO D 102 -17.06 -11.77 -22.35
N HIS D 103 -17.31 -12.95 -22.90
CA HIS D 103 -16.69 -14.25 -22.50
C HIS D 103 -15.42 -14.41 -23.32
N LEU D 104 -14.27 -14.71 -22.70
CA LEU D 104 -12.97 -14.81 -23.43
C LEU D 104 -12.53 -16.27 -23.52
N GLN D 105 -13.44 -17.23 -23.41
CA GLN D 105 -13.11 -18.66 -23.58
C GLN D 105 -12.60 -18.95 -25.01
N ASP D 106 -13.06 -18.21 -26.03
CA ASP D 106 -12.61 -18.43 -27.44
C ASP D 106 -11.15 -18.00 -27.56
N TRP D 107 -10.76 -16.90 -26.89
CA TRP D 107 -9.35 -16.44 -26.79
C TRP D 107 -8.48 -17.56 -26.20
N ALA D 108 -8.93 -18.15 -25.09
CA ALA D 108 -8.20 -19.19 -24.33
C ALA D 108 -7.93 -20.39 -25.23
N ARG D 109 -8.94 -20.77 -26.01
CA ARG D 109 -8.88 -21.95 -26.92
C ARG D 109 -7.96 -21.60 -28.10
N GLU D 110 -7.90 -20.33 -28.50
CA GLU D 110 -7.00 -19.85 -29.59
C GLU D 110 -5.53 -19.92 -29.16
N GLY D 111 -5.24 -19.93 -27.86
CA GLY D 111 -3.88 -20.07 -27.28
C GLY D 111 -3.47 -18.90 -26.38
N VAL D 112 -4.44 -18.10 -25.91
CA VAL D 112 -4.22 -16.95 -24.98
C VAL D 112 -4.41 -17.40 -23.52
N LEU D 113 -3.30 -17.60 -22.80
CA LEU D 113 -3.31 -17.87 -21.34
C LEU D 113 -3.73 -16.58 -20.65
N LEU D 114 -4.98 -16.53 -20.20
CA LEU D 114 -5.55 -15.35 -19.48
C LEU D 114 -5.34 -15.53 -17.99
N LEU D 115 -4.12 -15.24 -17.53
CA LEU D 115 -3.62 -15.60 -16.20
C LEU D 115 -3.71 -14.38 -15.29
N ASN D 116 -4.61 -14.42 -14.31
CA ASN D 116 -4.59 -13.54 -13.12
C ASN D 116 -3.41 -13.95 -12.26
N THR D 117 -2.68 -12.98 -11.69
CA THR D 117 -1.49 -13.21 -10.83
C THR D 117 -1.98 -13.77 -9.50
N VAL D 118 -3.21 -13.38 -9.12
CA VAL D 118 -3.95 -13.88 -7.93
C VAL D 118 -5.26 -14.50 -8.42
N LEU D 119 -5.53 -15.76 -8.05
CA LEU D 119 -6.58 -16.58 -8.68
C LEU D 119 -7.87 -16.63 -7.86
N THR D 120 -7.94 -16.01 -6.68
CA THR D 120 -9.17 -15.99 -5.83
C THR D 120 -9.32 -14.64 -5.15
N VAL D 121 -10.51 -14.38 -4.63
CA VAL D 121 -10.85 -13.07 -3.99
C VAL D 121 -12.15 -13.25 -3.20
N ARG D 122 -12.26 -12.63 -2.02
CA ARG D 122 -13.53 -12.58 -1.22
C ARG D 122 -14.49 -11.59 -1.89
N GLN D 123 -15.80 -11.86 -1.87
CA GLN D 123 -16.82 -10.97 -2.46
C GLN D 123 -16.59 -9.52 -2.00
N GLY D 124 -16.59 -8.58 -2.94
CA GLY D 124 -16.59 -7.13 -2.69
C GLY D 124 -15.27 -6.59 -2.13
N GLU D 125 -14.23 -7.43 -2.04
CA GLU D 125 -12.97 -7.10 -1.32
C GLU D 125 -11.79 -7.22 -2.28
N ALA D 126 -11.51 -6.15 -3.04
CA ALA D 126 -10.37 -6.11 -3.98
C ALA D 126 -9.09 -6.50 -3.21
N ASN D 127 -8.30 -7.43 -3.77
CA ASN D 127 -6.96 -7.82 -3.26
C ASN D 127 -7.03 -8.62 -1.96
N SER D 128 -8.22 -9.00 -1.49
CA SER D 128 -8.39 -9.77 -0.23
C SER D 128 -7.42 -10.97 -0.17
N HIS D 129 -7.08 -11.63 -1.29
CA HIS D 129 -6.21 -12.84 -1.29
C HIS D 129 -4.85 -12.53 -1.90
N ARG D 130 -4.42 -11.28 -1.83
CA ARG D 130 -3.20 -10.81 -2.52
C ARG D 130 -1.97 -11.59 -2.03
N ASP D 131 -1.76 -11.68 -0.72
CA ASP D 131 -0.44 -12.09 -0.17
C ASP D 131 -0.47 -13.50 0.39
N ILE D 132 -1.29 -14.41 -0.14
CA ILE D 132 -1.52 -15.76 0.48
C ILE D 132 -0.69 -16.85 -0.21
N GLY D 133 0.05 -16.54 -1.29
CA GLY D 133 0.91 -17.51 -1.99
C GLY D 133 0.66 -17.60 -3.49
N TRP D 134 -0.48 -17.09 -3.97
CA TRP D 134 -0.87 -17.14 -5.41
C TRP D 134 0.26 -16.56 -6.28
N GLU D 135 0.97 -15.50 -5.85
CA GLU D 135 2.04 -14.88 -6.68
C GLU D 135 3.25 -15.81 -6.72
N THR D 136 3.52 -16.57 -5.66
CA THR D 136 4.59 -17.58 -5.71
C THR D 136 4.25 -18.55 -6.86
N PHE D 137 3.01 -19.01 -6.91
CA PHE D 137 2.55 -20.02 -7.90
C PHE D 137 2.64 -19.41 -9.31
N THR D 138 1.93 -18.31 -9.52
CA THR D 138 1.83 -17.66 -10.86
C THR D 138 3.20 -17.15 -11.33
N ASP D 139 4.10 -16.75 -10.43
CA ASP D 139 5.49 -16.35 -10.81
C ASP D 139 6.16 -17.57 -11.42
N GLU D 140 6.00 -18.73 -10.80
CA GLU D 140 6.59 -20.00 -11.27
C GLU D 140 5.95 -20.39 -12.61
N ILE D 141 4.65 -20.14 -12.78
CA ILE D 141 3.92 -20.39 -14.06
C ILE D 141 4.57 -19.53 -15.13
N ILE D 142 4.68 -18.22 -14.86
CA ILE D 142 5.27 -17.25 -15.81
C ILE D 142 6.69 -17.70 -16.14
N LYS D 143 7.47 -18.08 -15.12
CA LYS D 143 8.87 -18.52 -15.34
C LYS D 143 8.86 -19.79 -16.18
N ALA D 144 7.93 -20.71 -15.92
CA ALA D 144 7.83 -22.01 -16.63
C ALA D 144 7.57 -21.76 -18.12
N VAL D 145 6.57 -20.91 -18.41
CA VAL D 145 6.18 -20.56 -19.81
C VAL D 145 7.41 -20.01 -20.53
N SER D 146 8.22 -19.18 -19.86
CA SER D 146 9.42 -18.54 -20.44
C SER D 146 10.52 -19.58 -20.66
N ASP D 147 10.75 -20.47 -19.68
CA ASP D 147 11.87 -21.44 -19.71
C ASP D 147 11.64 -22.52 -20.78
N TYR D 148 10.42 -23.06 -20.91
CA TYR D 148 10.18 -24.30 -21.68
C TYR D 148 9.59 -24.01 -23.05
N LYS D 149 8.87 -22.90 -23.21
CA LYS D 149 8.37 -22.46 -24.55
C LYS D 149 9.47 -21.70 -25.28
N GLU D 150 9.39 -21.66 -26.61
CA GLU D 150 10.44 -21.08 -27.50
C GLU D 150 10.19 -19.58 -27.70
N HIS D 151 8.99 -19.22 -28.16
CA HIS D 151 8.60 -17.85 -28.58
C HIS D 151 7.15 -17.60 -28.15
N VAL D 152 6.96 -16.92 -27.02
CA VAL D 152 5.63 -16.50 -26.54
C VAL D 152 5.54 -14.96 -26.49
N VAL D 153 4.34 -14.44 -26.73
CA VAL D 153 3.97 -13.01 -26.54
C VAL D 153 3.41 -12.84 -25.12
N PHE D 154 4.07 -12.03 -24.30
CA PHE D 154 3.57 -11.53 -23.02
C PHE D 154 3.02 -10.11 -23.24
N ILE D 155 1.71 -9.93 -23.07
CA ILE D 155 1.03 -8.62 -23.08
C ILE D 155 0.84 -8.15 -21.64
N LEU D 156 1.48 -7.05 -21.25
CA LEU D 156 1.58 -6.58 -19.84
C LEU D 156 0.93 -5.20 -19.71
N TRP D 157 -0.31 -5.17 -19.19
CA TRP D 157 -1.13 -3.93 -19.03
C TRP D 157 -0.99 -3.38 -17.59
N GLY D 158 -0.45 -2.17 -17.46
CA GLY D 158 -0.19 -1.53 -16.16
C GLY D 158 1.09 -2.01 -15.50
N LYS D 159 1.57 -1.27 -14.50
CA LYS D 159 2.92 -1.46 -13.90
C LYS D 159 2.99 -2.76 -13.11
N PRO D 160 1.97 -3.12 -12.29
CA PRO D 160 2.02 -4.40 -11.57
C PRO D 160 2.33 -5.56 -12.52
N ALA D 161 1.66 -5.64 -13.68
CA ALA D 161 1.90 -6.66 -14.73
C ALA D 161 3.34 -6.53 -15.26
N GLN D 162 3.78 -5.30 -15.52
CA GLN D 162 5.10 -5.01 -16.12
C GLN D 162 6.24 -5.38 -15.15
N GLN D 163 5.96 -5.51 -13.85
CA GLN D 163 6.99 -5.95 -12.88
C GLN D 163 7.48 -7.36 -13.23
N LYS D 164 6.67 -8.17 -13.92
CA LYS D 164 6.95 -9.61 -14.14
C LYS D 164 7.97 -9.82 -15.27
N ILE D 165 8.35 -8.77 -16.02
CA ILE D 165 9.41 -8.84 -17.07
C ILE D 165 10.68 -9.51 -16.49
N LYS D 166 10.95 -9.29 -15.20
CA LYS D 166 12.11 -9.94 -14.49
C LYS D 166 12.03 -11.46 -14.69
N LEU D 167 10.85 -12.09 -14.79
CA LEU D 167 10.69 -13.57 -14.92
C LEU D 167 10.78 -14.01 -16.38
N ILE D 168 10.77 -13.07 -17.32
CA ILE D 168 10.67 -13.40 -18.79
C ILE D 168 12.04 -13.22 -19.45
N ASP D 169 12.42 -14.19 -20.30
CA ASP D 169 13.64 -14.14 -21.14
C ASP D 169 13.34 -13.28 -22.38
N THR D 170 13.75 -12.02 -22.35
CA THR D 170 13.36 -10.96 -23.32
C THR D 170 14.03 -11.18 -24.68
N SER D 171 14.92 -12.16 -24.75
CA SER D 171 15.67 -12.51 -25.98
C SER D 171 14.94 -13.64 -26.73
N LYS D 172 14.15 -14.46 -26.02
CA LYS D 172 13.33 -15.56 -26.58
C LYS D 172 11.92 -15.06 -26.90
N HIS D 173 11.42 -14.14 -26.10
CA HIS D 173 9.97 -13.82 -25.96
C HIS D 173 9.70 -12.35 -26.32
N CYS D 174 8.53 -12.12 -26.91
CA CYS D 174 8.01 -10.79 -27.31
C CYS D 174 7.25 -10.18 -26.14
N ILE D 175 7.51 -8.92 -25.84
CA ILE D 175 6.86 -8.20 -24.71
C ILE D 175 6.13 -6.99 -25.30
N ILE D 176 4.80 -6.99 -25.17
CA ILE D 176 3.91 -5.87 -25.56
C ILE D 176 3.40 -5.25 -24.26
N LYS D 177 3.83 -4.03 -23.94
CA LYS D 177 3.49 -3.40 -22.63
C LYS D 177 2.79 -2.08 -22.94
N SER D 178 1.84 -1.68 -22.10
CA SER D 178 1.16 -0.37 -22.18
C SER D 178 0.46 -0.08 -20.85
N VAL D 179 0.01 1.15 -20.68
CA VAL D 179 -0.86 1.55 -19.54
C VAL D 179 -2.14 0.69 -19.55
N HIS D 180 -2.78 0.54 -18.38
CA HIS D 180 -3.95 -0.36 -18.17
C HIS D 180 -5.10 0.08 -19.07
N PRO D 181 -5.93 -0.85 -19.57
CA PRO D 181 -7.14 -0.50 -20.30
C PRO D 181 -8.27 0.05 -19.42
N SER D 182 -8.08 0.16 -18.10
CA SER D 182 -9.04 0.87 -17.21
C SER D 182 -9.29 2.27 -17.75
N PRO D 183 -10.51 2.83 -17.55
CA PRO D 183 -10.86 4.13 -18.11
C PRO D 183 -10.08 5.28 -17.45
N LEU D 184 -9.40 4.99 -16.33
CA LEU D 184 -8.46 5.94 -15.68
C LEU D 184 -7.23 6.13 -16.54
N SER D 185 -6.80 5.11 -17.27
CA SER D 185 -5.46 5.06 -17.92
C SER D 185 -5.57 4.93 -19.44
N ALA D 186 -6.69 4.44 -19.96
CA ALA D 186 -6.84 3.99 -21.37
C ALA D 186 -6.47 5.11 -22.36
N TYR D 187 -6.90 6.35 -22.13
CA TYR D 187 -6.71 7.49 -23.08
C TYR D 187 -5.28 8.03 -22.99
N ARG D 188 -4.47 7.54 -22.06
CA ARG D 188 -3.04 7.91 -21.90
C ARG D 188 -2.11 6.85 -22.53
N GLY D 189 -2.59 6.05 -23.51
CA GLY D 189 -1.69 5.18 -24.29
C GLY D 189 -2.21 3.77 -24.55
N PHE D 190 -3.40 3.38 -24.10
CA PHE D 190 -3.92 2.02 -24.42
C PHE D 190 -4.60 2.04 -25.79
N PHE D 191 -5.38 3.07 -26.06
CA PHE D 191 -5.95 3.31 -27.40
C PHE D 191 -4.79 3.61 -28.36
N GLY D 192 -4.73 2.87 -29.49
CA GLY D 192 -3.64 2.91 -30.47
C GLY D 192 -2.42 2.11 -30.04
N SER D 193 -2.51 1.37 -28.92
CA SER D 193 -1.55 0.31 -28.50
C SER D 193 -1.40 -0.75 -29.59
N LYS D 194 -2.53 -1.19 -30.14
CA LYS D 194 -2.58 -2.28 -31.15
C LYS D 194 -1.91 -3.54 -30.58
N PRO D 195 -2.24 -3.98 -29.34
CA PRO D 195 -1.61 -5.16 -28.77
C PRO D 195 -1.93 -6.41 -29.59
N TYR D 196 -3.11 -6.44 -30.19
CA TYR D 196 -3.68 -7.63 -30.86
C TYR D 196 -2.99 -7.85 -32.21
N SER D 197 -2.85 -6.82 -33.06
CA SER D 197 -2.10 -6.94 -34.34
C SER D 197 -0.62 -7.18 -34.03
N LYS D 198 -0.06 -6.43 -33.08
CA LYS D 198 1.38 -6.55 -32.74
C LYS D 198 1.70 -7.99 -32.32
N ALA D 199 0.90 -8.58 -31.43
CA ALA D 199 1.00 -10.02 -31.08
C ALA D 199 0.97 -10.91 -32.34
N ASN D 200 -0.01 -10.72 -33.22
CA ASN D 200 -0.19 -11.55 -34.44
C ASN D 200 0.98 -11.41 -35.42
N THR D 201 1.46 -10.20 -35.67
CA THR D 201 2.69 -9.90 -36.45
C THR D 201 3.88 -10.71 -35.87
N TYR D 202 4.06 -10.72 -34.54
CA TYR D 202 5.18 -11.44 -33.91
C TYR D 202 5.01 -12.95 -34.11
N LEU D 203 3.81 -13.48 -33.84
CA LEU D 203 3.53 -14.94 -34.04
C LEU D 203 3.81 -15.36 -35.49
N GLU D 204 3.39 -14.57 -36.48
CA GLU D 204 3.64 -14.87 -37.92
C GLU D 204 5.15 -14.79 -38.22
N SER D 205 5.89 -13.89 -37.56
CA SER D 205 7.35 -13.75 -37.76
C SER D 205 8.09 -15.04 -37.34
N VAL D 206 7.49 -15.92 -36.54
CA VAL D 206 8.16 -17.16 -36.07
C VAL D 206 7.31 -18.38 -36.48
N GLY D 207 6.51 -18.22 -37.54
CA GLY D 207 5.84 -19.33 -38.26
C GLY D 207 4.55 -19.81 -37.60
N LYS D 208 4.09 -19.11 -36.56
CA LYS D 208 2.88 -19.50 -35.79
C LYS D 208 1.66 -18.83 -36.39
N SER D 209 0.58 -19.60 -36.48
CA SER D 209 -0.80 -19.17 -36.80
C SER D 209 -1.18 -17.99 -35.91
N PRO D 210 -1.80 -16.94 -36.51
CA PRO D 210 -2.27 -15.79 -35.74
C PRO D 210 -3.36 -16.28 -34.78
N ILE D 211 -3.61 -15.48 -33.75
CA ILE D 211 -4.80 -15.67 -32.88
C ILE D 211 -5.97 -14.99 -33.56
N ASN D 212 -7.08 -15.72 -33.66
CA ASN D 212 -8.39 -15.17 -34.06
C ASN D 212 -8.98 -14.47 -32.83
N TRP D 213 -8.86 -13.14 -32.79
CA TRP D 213 -9.29 -12.31 -31.66
C TRP D 213 -10.79 -12.08 -31.68
N CYS D 214 -11.47 -12.41 -32.78
CA CYS D 214 -12.91 -12.12 -33.00
C CYS D 214 -13.73 -13.36 -32.60
N GLU D 215 -15.05 -13.29 -32.71
CA GLU D 215 -15.94 -14.45 -32.48
C GLU D 215 -15.83 -15.41 -33.67
N SER D 216 -16.07 -16.70 -33.43
CA SER D 216 -16.00 -17.81 -34.43
C SER D 216 -17.05 -17.61 -35.55
#